data_9GAN
#
_entry.id   9GAN
#
_cell.length_a   1.00
_cell.length_b   1.00
_cell.length_c   1.00
_cell.angle_alpha   90.00
_cell.angle_beta   90.00
_cell.angle_gamma   90.00
#
_symmetry.space_group_name_H-M   'P 1'
#
loop_
_entity.id
_entity.type
_entity.pdbx_description
1 polymer "RNA (5'-P(UC)6-FAM3')"
2 polymer Nucleoprotein
3 non-polymer '2-[3,6-bis(oxidanylidene)-4,5-dihydroxanthen-9-yl]-4-[3-[(2R)-2-oxidanylpropoxy]propylcarbamoyl]benzoic acid'
#
loop_
_entity_poly.entity_id
_entity_poly.type
_entity_poly.pdbx_seq_one_letter_code
_entity_poly.pdbx_strand_id
1 'polyribonucleotide' UCUCUCUCUCUC C,D
2 'polypeptide(L)'
;HMTDGERQNATEIRASVGKMIDGIGRFYIQMCTELKLSDYEGRLIQNSLTIERMVLSAFDERRNKYLEEHPSAGKDPKKT
GGPIYRRVDGKWRRELILYDKEEIRRIWRQANNGDDATAGLTHMMIWHSNLNDATYQRTRALVRTGMDPRMCSLMQGSTL
PRRSGAAGAAVKGVGTMVMELIRMIKRGINDRNFWRGENGRRTRIAYERMCNILKGKFQTAAQRTMVDQVRESRNPGNAE
FEDLIFLARSALILRGSVAHKSCLPACVYGSAVASGYDFEREGYSLVGIDPFRLLQNSQVYSLIRPNENPAHKSQLVWMA
CHSAAFEDLRVSSFIRGTKVVPRGKLSTRGVQIASNENMETMESSTLELRSRYWAIRTRSGGNTNQQRASSGQISIQPTF
SVQRNLPFDRPTIMAAFTGNTEGRTSDMRTEIIRLMESARPEDVSFQGRGVFELSDEKATSPIVPSFDMSNEGSYFFGDN
AEEYDNLEHHHHHH
;
A,B
#
loop_
_chem_comp.id
_chem_comp.type
_chem_comp.name
_chem_comp.formula
A1IJK non-polymer '2-[3,6-bis(oxidanylidene)-4,5-dihydroxanthen-9-yl]-4-[3-[(2R)-2-oxidanylpropoxy]propylcarbamoyl]benzoic acid' 'C27 H27 N O8'
C RNA linking CYTIDINE-5'-MONOPHOSPHATE 'C9 H14 N3 O8 P'
U RNA linking URIDINE-5'-MONOPHOSPHATE 'C9 H13 N2 O9 P'
#
# COMPACT_ATOMS: atom_id res chain seq x y z
N THR C 3 11.36 23.08 -11.62
CA THR C 3 10.97 23.60 -10.30
C THR C 3 11.12 25.11 -10.26
N ASP C 4 10.85 25.69 -9.10
CA ASP C 4 10.89 27.14 -8.92
C ASP C 4 11.13 27.44 -7.44
N GLY C 5 10.87 28.69 -7.04
CA GLY C 5 11.04 29.12 -5.66
C GLY C 5 10.32 28.26 -4.63
N GLU C 6 9.52 27.29 -5.08
CA GLU C 6 8.92 26.29 -4.21
C GLU C 6 9.95 25.31 -3.64
N ARG C 7 11.24 25.54 -3.88
CA ARG C 7 12.28 24.70 -3.29
C ARG C 7 12.21 24.71 -1.78
N GLN C 8 12.00 25.89 -1.19
CA GLN C 8 11.89 25.99 0.26
C GLN C 8 10.74 25.15 0.79
N ASN C 9 9.59 25.22 0.10
CA ASN C 9 8.47 24.36 0.45
C ASN C 9 8.82 22.89 0.27
N ALA C 10 9.58 22.56 -0.78
CA ALA C 10 10.00 21.19 -1.02
C ALA C 10 11.03 20.70 -0.01
N THR C 11 11.75 21.61 0.65
CA THR C 11 12.69 21.23 1.70
C THR C 11 12.03 21.13 3.07
N GLU C 12 11.02 21.95 3.35
CA GLU C 12 10.29 21.81 4.60
C GLU C 12 9.56 20.48 4.68
N ILE C 13 8.94 20.04 3.58
CA ILE C 13 8.28 18.74 3.55
C ILE C 13 9.29 17.63 3.75
N ARG C 14 10.47 17.76 3.14
CA ARG C 14 11.52 16.78 3.34
C ARG C 14 11.94 16.70 4.81
N ALA C 15 12.09 17.85 5.45
CA ALA C 15 12.45 17.87 6.86
C ALA C 15 11.36 17.22 7.71
N SER C 16 10.09 17.49 7.41
CA SER C 16 9.00 16.93 8.21
C SER C 16 8.92 15.42 8.06
N VAL C 17 9.04 14.91 6.83
CA VAL C 17 9.00 13.47 6.65
C VAL C 17 10.25 12.82 7.25
N GLY C 18 11.39 13.50 7.21
CA GLY C 18 12.57 12.99 7.88
C GLY C 18 12.39 12.90 9.39
N LYS C 19 11.72 13.89 9.98
CA LYS C 19 11.49 13.83 11.42
C LYS C 19 10.50 12.74 11.78
N MET C 20 9.51 12.48 10.91
CA MET C 20 8.61 11.36 11.17
C MET C 20 9.35 10.02 11.05
N ILE C 21 10.26 9.90 10.09
CA ILE C 21 11.05 8.69 9.95
C ILE C 21 11.97 8.51 11.17
N ASP C 22 12.55 9.60 11.66
CA ASP C 22 13.36 9.54 12.87
C ASP C 22 12.53 9.10 14.06
N GLY C 23 11.32 9.63 14.18
CA GLY C 23 10.44 9.21 15.27
C GLY C 23 10.15 7.72 15.21
N ILE C 24 9.83 7.22 14.02
CA ILE C 24 9.56 5.79 13.86
C ILE C 24 10.79 4.97 14.25
N GLY C 25 11.96 5.37 13.77
CA GLY C 25 13.16 4.60 14.03
C GLY C 25 13.55 4.57 15.49
N ARG C 26 13.51 5.73 16.16
CA ARG C 26 13.90 5.76 17.55
C ARG C 26 12.83 5.13 18.43
N PHE C 27 11.57 5.16 18.02
CA PHE C 27 10.55 4.38 18.72
C PHE C 27 10.84 2.90 18.62
N TYR C 28 11.23 2.43 17.44
CA TYR C 28 11.58 1.02 17.28
C TYR C 28 12.78 0.65 18.13
N ILE C 29 13.76 1.55 18.21
CA ILE C 29 14.93 1.30 19.05
C ILE C 29 14.52 1.18 20.51
N GLN C 30 13.68 2.11 20.98
CA GLN C 30 13.25 2.08 22.37
C GLN C 30 12.44 0.81 22.67
N MET C 31 11.57 0.42 21.76
CA MET C 31 10.78 -0.79 21.97
C MET C 31 11.62 -2.05 21.90
N CYS C 32 12.66 -2.06 21.08
CA CYS C 32 13.61 -3.17 21.09
C CYS C 32 14.34 -3.25 22.42
N THR C 33 14.70 -2.10 23.00
CA THR C 33 15.32 -2.12 24.32
C THR C 33 14.34 -2.56 25.40
N GLU C 34 13.06 -2.21 25.26
CA GLU C 34 12.07 -2.59 26.27
C GLU C 34 11.60 -4.03 26.09
N LEU C 35 11.84 -4.65 24.95
CA LEU C 35 11.48 -6.05 24.73
C LEU C 35 12.68 -6.98 24.85
N LYS C 36 13.88 -6.44 25.03
CA LYS C 36 15.10 -7.22 25.22
C LYS C 36 15.36 -8.15 24.03
N LEU C 37 15.40 -7.54 22.84
CA LEU C 37 15.70 -8.24 21.61
C LEU C 37 17.13 -7.93 21.16
N SER C 38 17.85 -8.95 20.73
CA SER C 38 19.20 -8.76 20.22
C SER C 38 19.14 -8.11 18.85
N ASP C 39 20.31 -7.87 18.26
CA ASP C 39 20.34 -7.25 16.94
C ASP C 39 19.69 -8.14 15.89
N TYR C 40 19.96 -9.45 15.94
CA TYR C 40 19.37 -10.34 14.95
C TYR C 40 17.86 -10.38 15.06
N GLU C 41 17.34 -10.49 16.27
CA GLU C 41 15.89 -10.50 16.47
C GLU C 41 15.29 -9.14 16.15
N GLY C 42 16.02 -8.06 16.44
CA GLY C 42 15.50 -6.74 16.13
C GLY C 42 15.38 -6.48 14.64
N ARG C 43 16.16 -7.18 13.84
CA ARG C 43 16.10 -7.05 12.39
C ARG C 43 15.12 -8.02 11.75
N LEU C 44 14.47 -8.87 12.54
CA LEU C 44 13.48 -9.78 11.99
C LEU C 44 12.25 -9.01 11.52
N ILE C 45 11.76 -9.36 10.33
CA ILE C 45 10.62 -8.65 9.77
C ILE C 45 9.34 -8.98 10.54
N GLN C 46 9.23 -10.20 11.08
CA GLN C 46 8.05 -10.57 11.84
C GLN C 46 7.97 -9.81 13.16
N ASN C 47 9.11 -9.63 13.83
CA ASN C 47 9.14 -8.82 15.05
C ASN C 47 8.75 -7.39 14.75
N SER C 48 9.24 -6.82 13.66
CA SER C 48 8.87 -5.46 13.29
C SER C 48 7.38 -5.37 12.99
N LEU C 49 6.83 -6.36 12.28
CA LEU C 49 5.40 -6.37 12.00
C LEU C 49 4.58 -6.41 13.28
N THR C 50 4.99 -7.24 14.23
CA THR C 50 4.30 -7.31 15.51
C THR C 50 4.36 -5.98 16.26
N ILE C 51 5.54 -5.37 16.31
CA ILE C 51 5.69 -4.09 16.99
C ILE C 51 4.79 -3.04 16.35
N GLU C 52 4.81 -2.96 15.01
CA GLU C 52 4.00 -1.98 14.31
C GLU C 52 2.53 -2.20 14.57
N ARG C 53 2.09 -3.46 14.57
CA ARG C 53 0.69 -3.76 14.83
C ARG C 53 0.29 -3.36 16.25
N MET C 54 1.19 -3.55 17.21
CA MET C 54 0.90 -3.12 18.57
C MET C 54 0.74 -1.61 18.65
N VAL C 55 1.61 -0.86 17.96
CA VAL C 55 1.50 0.59 17.95
C VAL C 55 0.18 1.02 17.34
N LEU C 56 -0.19 0.42 16.20
CA LEU C 56 -1.42 0.82 15.53
C LEU C 56 -2.64 0.48 16.37
N SER C 57 -2.60 -0.67 17.05
CA SER C 57 -3.72 -1.05 17.91
C SER C 57 -3.84 -0.14 19.12
N ALA C 58 -2.71 0.34 19.65
CA ALA C 58 -2.75 1.19 20.83
C ALA C 58 -3.48 2.49 20.56
N PHE C 59 -3.33 3.04 19.36
CA PHE C 59 -3.90 4.34 19.03
C PHE C 59 -5.26 4.27 18.34
N ASP C 60 -5.82 3.07 18.20
CA ASP C 60 -7.12 2.90 17.54
C ASP C 60 -8.22 3.34 18.51
N GLU C 61 -8.71 4.56 18.32
CA GLU C 61 -9.66 5.14 19.28
C GLU C 61 -10.99 4.41 19.27
N ARG C 62 -11.57 4.21 18.10
CA ARG C 62 -12.92 3.64 18.01
C ARG C 62 -12.93 2.19 18.47
N ARG C 63 -11.98 1.39 18.00
CA ARG C 63 -11.94 -0.01 18.40
C ARG C 63 -11.67 -0.14 19.89
N ASN C 64 -10.79 0.69 20.43
CA ASN C 64 -10.51 0.64 21.87
C ASN C 64 -11.74 1.02 22.68
N LYS C 65 -12.47 2.05 22.24
CA LYS C 65 -13.69 2.43 22.93
C LYS C 65 -14.73 1.31 22.90
N TYR C 66 -14.93 0.70 21.73
CA TYR C 66 -15.90 -0.38 21.62
C TYR C 66 -15.48 -1.58 22.48
N LEU C 67 -14.19 -1.92 22.46
CA LEU C 67 -13.70 -3.03 23.27
C LEU C 67 -13.87 -2.73 24.76
N GLU C 68 -13.64 -1.49 25.16
CA GLU C 68 -13.86 -1.10 26.54
C GLU C 68 -15.32 -1.23 26.93
N GLU C 69 -16.23 -0.80 26.06
CA GLU C 69 -17.65 -0.89 26.37
C GLU C 69 -18.17 -2.31 26.23
N HIS C 70 -17.59 -3.11 25.34
CA HIS C 70 -17.96 -4.51 25.13
C HIS C 70 -16.70 -5.37 25.23
N PRO C 71 -16.28 -5.72 26.44
CA PRO C 71 -15.06 -6.51 26.60
C PRO C 71 -15.16 -7.86 25.89
N SER C 72 -14.03 -8.29 25.34
CA SER C 72 -13.99 -9.52 24.55
C SER C 72 -13.89 -10.72 25.49
N ALA C 73 -13.73 -11.91 24.91
CA ALA C 73 -13.70 -13.15 25.69
C ALA C 73 -12.27 -13.45 26.10
N GLY C 74 -11.93 -13.16 27.35
CA GLY C 74 -10.62 -13.46 27.89
C GLY C 74 -9.53 -12.51 27.48
N LYS C 75 -9.85 -11.44 26.75
CA LYS C 75 -8.89 -10.45 26.31
C LYS C 75 -9.32 -9.09 26.86
N ASP C 76 -8.60 -8.61 27.86
CA ASP C 76 -8.92 -7.31 28.43
C ASP C 76 -8.66 -6.21 27.38
N PRO C 77 -9.51 -5.19 27.33
CA PRO C 77 -9.38 -4.16 26.28
C PRO C 77 -8.31 -3.12 26.54
N LYS C 78 -7.43 -3.31 27.53
CA LYS C 78 -6.39 -2.34 27.81
C LYS C 78 -4.98 -2.89 27.57
N LYS C 79 -4.87 -4.04 26.92
CA LYS C 79 -3.57 -4.63 26.64
C LYS C 79 -3.48 -5.04 25.18
N THR C 80 -2.32 -4.81 24.58
CA THR C 80 -2.02 -5.21 23.22
C THR C 80 -0.86 -6.21 23.26
N GLY C 81 -0.51 -6.72 22.09
CA GLY C 81 0.60 -7.66 22.00
C GLY C 81 0.63 -8.33 20.65
N GLY C 82 1.45 -9.38 20.58
CA GLY C 82 1.63 -10.14 19.37
C GLY C 82 2.82 -11.06 19.49
N PRO C 83 3.02 -11.92 18.49
CA PRO C 83 4.12 -12.89 18.55
C PRO C 83 5.48 -12.21 18.53
N ILE C 84 6.36 -12.66 19.40
CA ILE C 84 7.75 -12.19 19.45
C ILE C 84 8.63 -13.41 19.24
N TYR C 85 9.44 -13.38 18.19
CA TYR C 85 10.26 -14.53 17.82
C TYR C 85 11.68 -14.29 18.32
N ARG C 86 12.13 -15.13 19.25
CA ARG C 86 13.45 -15.01 19.85
C ARG C 86 14.26 -16.26 19.55
N ARG C 87 15.54 -16.07 19.21
CA ARG C 87 16.43 -17.18 18.87
C ARG C 87 17.17 -17.61 20.13
N VAL C 88 17.02 -18.89 20.49
CA VAL C 88 17.77 -19.48 21.59
C VAL C 88 18.42 -20.75 21.08
N ASP C 89 19.65 -21.02 21.55
CA ASP C 89 20.48 -22.18 21.19
C ASP C 89 20.32 -22.59 19.73
N GLY C 90 20.28 -21.59 18.84
CA GLY C 90 20.26 -21.83 17.42
C GLY C 90 18.89 -21.90 16.78
N LYS C 91 17.91 -22.39 17.52
CA LYS C 91 16.57 -22.55 16.99
C LYS C 91 15.68 -21.37 17.40
N TRP C 92 14.63 -21.15 16.60
CA TRP C 92 13.71 -20.06 16.86
C TRP C 92 12.59 -20.51 17.80
N ARG C 93 11.95 -19.54 18.44
CA ARG C 93 10.88 -19.83 19.38
C ARG C 93 10.00 -18.60 19.53
N ARG C 94 8.68 -18.80 19.50
CA ARG C 94 7.72 -17.71 19.59
C ARG C 94 7.15 -17.61 20.99
N GLU C 95 6.93 -16.37 21.43
CA GLU C 95 6.31 -16.10 22.72
C GLU C 95 5.33 -14.96 22.55
N LEU C 96 4.12 -15.11 23.08
CA LEU C 96 3.12 -14.05 23.02
C LEU C 96 3.41 -13.03 24.11
N ILE C 97 3.64 -11.78 23.71
CA ILE C 97 3.94 -10.70 24.64
C ILE C 97 2.68 -9.86 24.81
N LEU C 98 2.59 -9.21 25.98
CA LEU C 98 1.43 -8.40 26.32
C LEU C 98 1.91 -7.09 26.91
N TYR C 99 1.48 -5.98 26.34
CA TYR C 99 1.88 -4.65 26.79
C TYR C 99 0.64 -3.82 27.08
N ASP C 100 0.74 -2.97 28.10
CA ASP C 100 -0.32 -2.01 28.37
C ASP C 100 -0.39 -1.00 27.23
N LYS C 101 -1.61 -0.70 26.77
CA LYS C 101 -1.75 0.22 25.65
C LYS C 101 -1.36 1.63 26.04
N GLU C 102 -1.60 2.03 27.29
CA GLU C 102 -1.11 3.31 27.77
C GLU C 102 0.41 3.37 27.69
N GLU C 103 1.07 2.25 28.01
CA GLU C 103 2.53 2.20 27.92
C GLU C 103 3.00 2.40 26.49
N ILE C 104 2.34 1.74 25.53
CA ILE C 104 2.74 1.87 24.13
C ILE C 104 2.52 3.29 23.64
N ARG C 105 1.38 3.89 23.99
CA ARG C 105 1.13 5.27 23.60
C ARG C 105 2.16 6.21 24.22
N ARG C 106 2.53 5.98 25.47
CA ARG C 106 3.53 6.83 26.11
C ARG C 106 4.89 6.69 25.43
N ILE C 107 5.28 5.46 25.07
CA ILE C 107 6.55 5.26 24.38
C ILE C 107 6.53 5.95 23.03
N TRP C 108 5.44 5.81 22.29
CA TRP C 108 5.34 6.45 20.97
C TRP C 108 5.42 7.97 21.10
N ARG C 109 4.71 8.54 22.07
CA ARG C 109 4.74 9.99 22.25
C ARG C 109 6.12 10.47 22.67
N GLN C 110 6.79 9.73 23.56
CA GLN C 110 8.13 10.12 23.99
C GLN C 110 9.12 10.05 22.84
N ALA C 111 8.95 9.08 21.94
CA ALA C 111 9.84 8.98 20.79
C ALA C 111 9.70 10.18 19.87
N ASN C 112 8.47 10.67 19.67
CA ASN C 112 8.22 11.80 18.79
C ASN C 112 8.23 13.14 19.53
N ASN C 113 8.96 13.23 20.64
CA ASN C 113 9.07 14.47 21.42
C ASN C 113 7.70 14.94 21.89
N GLY C 114 6.98 14.06 22.58
CA GLY C 114 5.71 14.43 23.16
C GLY C 114 4.62 14.77 22.17
N ASP C 115 4.77 14.39 20.91
CA ASP C 115 3.80 14.69 19.88
C ASP C 115 3.08 13.41 19.45
N ASP C 116 1.80 13.56 19.09
CA ASP C 116 1.02 12.41 18.65
C ASP C 116 1.60 11.82 17.37
N ALA C 117 1.83 12.66 16.37
CA ALA C 117 2.43 12.26 15.09
C ALA C 117 1.66 11.10 14.45
N THR C 118 0.42 11.38 14.09
CA THR C 118 -0.40 10.40 13.37
C THR C 118 0.15 10.12 11.98
N ALA C 119 1.02 10.99 11.45
CA ALA C 119 1.63 10.74 10.15
C ALA C 119 2.49 9.48 10.17
N GLY C 120 3.23 9.27 11.26
CA GLY C 120 4.02 8.05 11.36
C GLY C 120 3.16 6.80 11.40
N LEU C 121 2.04 6.86 12.13
CA LEU C 121 1.12 5.73 12.15
C LEU C 121 0.55 5.47 10.77
N THR C 122 0.21 6.53 10.04
CA THR C 122 -0.27 6.35 8.68
C THR C 122 0.80 5.72 7.80
N HIS C 123 2.06 6.11 7.99
CA HIS C 123 3.16 5.49 7.25
C HIS C 123 3.25 3.99 7.52
N MET C 124 3.13 3.60 8.80
CA MET C 124 3.19 2.18 9.15
C MET C 124 2.00 1.43 8.55
N MET C 125 0.81 2.04 8.60
CA MET C 125 -0.37 1.41 8.01
C MET C 125 -0.22 1.25 6.51
N ILE C 126 0.39 2.23 5.84
CA ILE C 126 0.57 2.14 4.40
C ILE C 126 1.57 1.04 4.06
N TRP C 127 2.62 0.89 4.89
CA TRP C 127 3.53 -0.23 4.68
C TRP C 127 2.81 -1.56 4.82
N HIS C 128 1.96 -1.69 5.85
CA HIS C 128 1.20 -2.92 6.02
C HIS C 128 0.27 -3.17 4.84
N SER C 129 -0.39 -2.11 4.35
CA SER C 129 -1.30 -2.25 3.23
C SER C 129 -0.56 -2.67 1.96
N ASN C 130 0.63 -2.11 1.73
CA ASN C 130 1.43 -2.50 0.58
C ASN C 130 1.84 -3.97 0.68
N LEU C 131 2.23 -4.41 1.88
CA LEU C 131 2.56 -5.82 2.06
C LEU C 131 1.35 -6.72 1.77
N ASN C 132 0.18 -6.34 2.29
CA ASN C 132 -1.01 -7.15 2.06
C ASN C 132 -1.40 -7.19 0.59
N ASP C 133 -1.26 -6.05 -0.10
CA ASP C 133 -1.56 -6.02 -1.54
C ASP C 133 -0.59 -6.88 -2.32
N ALA C 134 0.70 -6.86 -1.95
CA ALA C 134 1.68 -7.66 -2.64
C ALA C 134 1.58 -9.15 -2.31
N THR C 135 0.91 -9.50 -1.20
CA THR C 135 0.84 -10.89 -0.78
C THR C 135 -0.47 -11.57 -1.18
N TYR C 136 -1.61 -10.97 -0.82
CA TYR C 136 -2.89 -11.65 -0.90
C TYR C 136 -3.82 -10.98 -1.90
N GLN C 137 -4.69 -11.78 -2.52
CA GLN C 137 -5.72 -11.32 -3.44
C GLN C 137 -7.05 -11.36 -2.72
N ARG C 138 -7.76 -10.23 -2.71
CA ARG C 138 -9.11 -10.20 -2.17
C ARG C 138 -10.14 -10.23 -3.31
N THR C 139 -10.15 -11.38 -4.00
CA THR C 139 -11.20 -11.62 -4.99
C THR C 139 -12.51 -11.94 -4.30
N ARG C 140 -12.46 -12.45 -3.06
CA ARG C 140 -13.67 -12.76 -2.32
C ARG C 140 -14.46 -11.49 -2.02
N ALA C 141 -13.78 -10.43 -1.58
CA ALA C 141 -14.47 -9.16 -1.36
C ALA C 141 -14.94 -8.55 -2.67
N LEU C 142 -14.23 -8.83 -3.77
CA LEU C 142 -14.66 -8.35 -5.07
C LEU C 142 -15.97 -9.01 -5.50
N VAL C 143 -16.05 -10.33 -5.41
CA VAL C 143 -17.25 -11.03 -5.84
C VAL C 143 -18.40 -10.77 -4.88
N ARG C 144 -18.10 -10.59 -3.59
CA ARG C 144 -19.16 -10.34 -2.62
C ARG C 144 -19.84 -9.00 -2.88
N THR C 145 -19.07 -8.00 -3.31
CA THR C 145 -19.62 -6.69 -3.64
C THR C 145 -20.11 -6.60 -5.07
N GLY C 146 -20.01 -7.68 -5.85
CA GLY C 146 -20.48 -7.69 -7.21
C GLY C 146 -19.46 -7.28 -8.25
N MET C 147 -18.30 -6.78 -7.84
CA MET C 147 -17.28 -6.36 -8.79
C MET C 147 -16.62 -7.56 -9.43
N ASP C 148 -16.13 -7.37 -10.65
CA ASP C 148 -15.43 -8.43 -11.36
C ASP C 148 -14.12 -8.73 -10.66
N PRO C 149 -13.80 -10.00 -10.37
CA PRO C 149 -12.49 -10.32 -9.80
C PRO C 149 -11.32 -10.12 -10.77
N ARG C 150 -11.58 -9.70 -12.00
CA ARG C 150 -10.50 -9.42 -12.94
C ARG C 150 -9.84 -8.08 -12.68
N MET C 151 -10.52 -7.12 -12.06
CA MET C 151 -9.94 -5.82 -11.79
C MET C 151 -9.26 -5.80 -10.41
N CYS C 152 -8.31 -6.72 -10.24
CA CYS C 152 -7.49 -6.75 -9.04
C CYS C 152 -6.36 -5.74 -9.08
N SER C 153 -6.05 -5.18 -10.25
CA SER C 153 -5.02 -4.17 -10.36
C SER C 153 -5.44 -2.82 -9.79
N LEU C 154 -6.74 -2.60 -9.61
CA LEU C 154 -7.25 -1.36 -9.04
C LEU C 154 -7.44 -1.44 -7.54
N MET C 155 -7.04 -2.53 -6.91
CA MET C 155 -7.25 -2.75 -5.48
C MET C 155 -6.08 -2.25 -4.63
N GLN C 156 -5.35 -1.24 -5.10
CA GLN C 156 -4.25 -0.69 -4.34
C GLN C 156 -4.76 -0.02 -3.06
N GLY C 157 -4.15 -0.37 -1.93
CA GLY C 157 -4.55 0.20 -0.66
C GLY C 157 -5.94 -0.20 -0.21
N SER C 158 -6.34 -1.44 -0.48
CA SER C 158 -7.67 -1.90 -0.10
C SER C 158 -7.78 -2.21 1.38
N THR C 159 -6.70 -2.70 2.00
CA THR C 159 -6.72 -3.09 3.40
C THR C 159 -6.52 -1.93 4.35
N LEU C 160 -6.40 -0.71 3.85
CA LEU C 160 -6.17 0.44 4.72
C LEU C 160 -7.41 0.72 5.55
N PRO C 161 -7.28 0.88 6.87
CA PRO C 161 -8.43 1.29 7.67
C PRO C 161 -8.83 2.73 7.40
N ARG C 162 -10.07 3.04 7.74
CA ARG C 162 -10.63 4.36 7.49
C ARG C 162 -9.89 5.46 8.24
N ARG C 163 -9.28 5.15 9.39
CA ARG C 163 -8.62 6.15 10.20
C ARG C 163 -7.39 6.76 9.54
N SER C 164 -6.90 6.17 8.44
CA SER C 164 -5.83 6.79 7.68
C SER C 164 -6.30 8.13 7.11
N GLY C 165 -5.42 9.13 7.18
CA GLY C 165 -5.78 10.47 6.77
C GLY C 165 -5.77 10.68 5.27
N ALA C 166 -5.30 11.86 4.84
CA ALA C 166 -5.24 12.15 3.41
C ALA C 166 -4.24 11.25 2.69
N ALA C 167 -3.21 10.78 3.41
CA ALA C 167 -2.24 9.88 2.79
C ALA C 167 -2.91 8.56 2.38
N GLY C 168 -3.76 8.02 3.24
CA GLY C 168 -4.47 6.80 2.90
C GLY C 168 -5.37 6.96 1.70
N ALA C 169 -6.10 8.08 1.64
CA ALA C 169 -6.94 8.36 0.47
C ALA C 169 -6.13 8.55 -0.79
N ALA C 170 -4.95 9.16 -0.69
CA ALA C 170 -4.12 9.37 -1.87
C ALA C 170 -3.55 8.06 -2.39
N VAL C 171 -3.14 7.16 -1.49
CA VAL C 171 -2.48 5.94 -1.94
C VAL C 171 -3.48 4.86 -2.35
N LYS C 172 -4.70 4.90 -1.85
CA LYS C 172 -5.65 3.84 -2.18
C LYS C 172 -6.18 4.02 -3.60
N GLY C 173 -6.43 2.89 -4.26
CA GLY C 173 -6.74 2.89 -5.67
C GLY C 173 -8.19 3.18 -5.98
N VAL C 174 -8.49 3.23 -7.28
CA VAL C 174 -9.85 3.53 -7.73
C VAL C 174 -10.78 2.37 -7.39
N GLY C 175 -10.29 1.14 -7.50
CA GLY C 175 -11.12 0.00 -7.21
C GLY C 175 -11.60 -0.03 -5.76
N THR C 176 -10.72 0.34 -4.83
CA THR C 176 -11.11 0.38 -3.42
C THR C 176 -12.16 1.45 -3.17
N MET C 177 -12.03 2.60 -3.82
CA MET C 177 -13.05 3.64 -3.70
C MET C 177 -14.39 3.16 -4.24
N VAL C 178 -14.36 2.47 -5.38
CA VAL C 178 -15.59 1.92 -5.93
C VAL C 178 -16.18 0.89 -4.99
N MET C 179 -15.32 0.09 -4.34
CA MET C 179 -15.79 -0.89 -3.37
C MET C 179 -16.48 -0.22 -2.19
N GLU C 180 -15.87 0.84 -1.64
CA GLU C 180 -16.48 1.54 -0.53
C GLU C 180 -17.82 2.16 -0.92
N LEU C 181 -17.86 2.80 -2.09
CA LEU C 181 -19.11 3.40 -2.55
C LEU C 181 -20.17 2.34 -2.77
N ILE C 182 -19.80 1.20 -3.34
CA ILE C 182 -20.76 0.14 -3.61
C ILE C 182 -21.27 -0.47 -2.31
N ARG C 183 -20.39 -0.60 -1.31
CA ARG C 183 -20.85 -1.07 0.00
C ARG C 183 -21.86 -0.11 0.60
N MET C 184 -21.62 1.19 0.47
CA MET C 184 -22.59 2.18 0.93
C MET C 184 -23.91 2.06 0.17
N ILE C 185 -23.82 1.84 -1.16
CA ILE C 185 -25.01 1.69 -1.98
C ILE C 185 -25.82 0.48 -1.52
N LYS C 186 -25.14 -0.65 -1.31
CA LYS C 186 -25.82 -1.87 -0.87
C LYS C 186 -26.43 -1.66 0.51
N ARG C 187 -25.73 -0.98 1.41
CA ARG C 187 -26.27 -0.73 2.74
C ARG C 187 -27.52 0.11 2.66
N GLY C 188 -27.54 1.12 1.78
CA GLY C 188 -28.75 1.92 1.60
C GLY C 188 -29.86 1.16 0.91
N ILE C 189 -29.53 0.21 0.04
CA ILE C 189 -30.55 -0.60 -0.62
C ILE C 189 -31.22 -1.54 0.36
N ASN C 190 -30.42 -2.14 1.25
CA ASN C 190 -30.96 -3.07 2.24
C ASN C 190 -31.95 -2.38 3.16
N ASP C 191 -31.55 -1.27 3.78
CA ASP C 191 -32.38 -0.54 4.73
C ASP C 191 -32.61 0.87 4.21
N ARG C 192 -33.88 1.21 3.96
CA ARG C 192 -34.21 2.51 3.40
C ARG C 192 -34.14 3.63 4.43
N ASN C 193 -34.02 3.32 5.71
CA ASN C 193 -33.83 4.37 6.70
C ASN C 193 -32.45 5.01 6.60
N PHE C 194 -31.56 4.42 5.80
CA PHE C 194 -30.30 5.04 5.42
C PHE C 194 -30.58 6.33 4.65
N TRP C 195 -29.61 7.24 4.66
CA TRP C 195 -29.75 8.55 4.03
C TRP C 195 -30.91 9.35 4.63
N ARG C 196 -31.20 9.13 5.92
CA ARG C 196 -32.34 9.79 6.53
C ARG C 196 -32.14 9.89 8.04
N GLY C 197 -32.25 11.11 8.56
CA GLY C 197 -32.10 11.36 9.98
C GLY C 197 -30.76 11.95 10.35
N GLU C 198 -30.43 11.84 11.63
CA GLU C 198 -29.13 12.34 12.09
C GLU C 198 -28.00 11.52 11.49
N ASN C 199 -28.12 10.19 11.50
CA ASN C 199 -27.14 9.35 10.82
C ASN C 199 -27.15 9.57 9.32
N GLY C 200 -28.30 9.95 8.77
CA GLY C 200 -28.38 10.24 7.34
C GLY C 200 -27.46 11.38 6.95
N ARG C 201 -27.40 12.42 7.78
CA ARG C 201 -26.50 13.54 7.51
C ARG C 201 -25.05 13.08 7.45
N ARG C 202 -24.62 12.32 8.46
CA ARG C 202 -23.23 11.86 8.50
C ARG C 202 -22.92 10.95 7.31
N THR C 203 -23.84 10.04 6.98
CA THR C 203 -23.61 9.12 5.88
C THR C 203 -23.56 9.86 4.55
N ARG C 204 -24.44 10.86 4.36
CA ARG C 204 -24.38 11.67 3.15
C ARG C 204 -23.09 12.46 3.07
N ILE C 205 -22.62 12.99 4.20
CA ILE C 205 -21.35 13.73 4.20
C ILE C 205 -20.20 12.83 3.79
N ALA C 206 -20.15 11.63 4.38
CA ALA C 206 -19.08 10.69 4.04
C ALA C 206 -19.17 10.27 2.57
N TYR C 207 -20.37 10.00 2.08
CA TYR C 207 -20.57 9.67 0.68
C TYR C 207 -20.07 10.78 -0.23
N GLU C 208 -20.46 12.02 0.08
CA GLU C 208 -19.99 13.18 -0.65
C GLU C 208 -18.48 13.22 -0.71
N ARG C 209 -17.82 13.05 0.44
CA ARG C 209 -16.38 13.24 0.51
C ARG C 209 -15.64 12.15 -0.26
N MET C 210 -16.04 10.90 -0.05
CA MET C 210 -15.40 9.80 -0.78
C MET C 210 -15.62 9.93 -2.28
N CYS C 211 -16.82 10.33 -2.70
CA CYS C 211 -17.06 10.49 -4.12
C CYS C 211 -16.26 11.66 -4.69
N ASN C 212 -16.10 12.74 -3.92
CA ASN C 212 -15.30 13.87 -4.38
C ASN C 212 -13.84 13.47 -4.58
N ILE C 213 -13.28 12.70 -3.65
CA ILE C 213 -11.87 12.36 -3.82
C ILE C 213 -11.69 11.27 -4.88
N LEU C 214 -12.70 10.43 -5.09
CA LEU C 214 -12.68 9.54 -6.26
C LEU C 214 -12.72 10.35 -7.55
N LYS C 215 -13.50 11.42 -7.56
CA LYS C 215 -13.52 12.32 -8.72
C LYS C 215 -12.15 12.93 -8.96
N GLY C 216 -11.50 13.39 -7.89
CA GLY C 216 -10.16 13.90 -8.02
C GLY C 216 -9.13 12.87 -8.43
N LYS C 217 -9.43 11.59 -8.19
CA LYS C 217 -8.49 10.53 -8.55
C LYS C 217 -8.45 10.29 -10.05
N PHE C 218 -9.55 10.54 -10.77
CA PHE C 218 -9.63 10.20 -12.18
C PHE C 218 -8.82 11.19 -13.02
N GLN C 219 -8.71 10.88 -14.31
CA GLN C 219 -7.86 11.64 -15.22
C GLN C 219 -8.67 12.36 -16.30
N THR C 220 -9.49 11.65 -17.04
CA THR C 220 -10.22 12.25 -18.15
C THR C 220 -11.52 12.89 -17.67
N ALA C 221 -12.01 13.84 -18.48
CA ALA C 221 -13.14 14.65 -18.06
C ALA C 221 -14.44 13.86 -18.03
N ALA C 222 -14.58 12.87 -18.92
CA ALA C 222 -15.84 12.12 -18.99
C ALA C 222 -16.06 11.29 -17.73
N GLN C 223 -15.01 10.61 -17.25
CA GLN C 223 -15.12 9.89 -15.99
C GLN C 223 -15.38 10.83 -14.84
N ARG C 224 -14.69 11.97 -14.84
CA ARG C 224 -14.86 12.98 -13.81
C ARG C 224 -16.26 13.56 -13.77
N THR C 225 -16.97 13.55 -14.90
CA THR C 225 -18.34 14.01 -14.95
C THR C 225 -19.34 12.92 -14.59
N MET C 226 -19.06 11.68 -14.99
CA MET C 226 -19.96 10.58 -14.61
C MET C 226 -19.95 10.36 -13.10
N VAL C 227 -18.77 10.48 -12.47
CA VAL C 227 -18.72 10.33 -11.03
C VAL C 227 -19.50 11.45 -10.35
N ASP C 228 -19.45 12.65 -10.91
CA ASP C 228 -20.24 13.76 -10.39
C ASP C 228 -21.73 13.49 -10.54
N GLN C 229 -22.13 12.90 -11.66
CA GLN C 229 -23.53 12.52 -11.85
C GLN C 229 -23.95 11.48 -10.82
N VAL C 230 -23.06 10.52 -10.53
CA VAL C 230 -23.36 9.50 -9.52
C VAL C 230 -23.53 10.14 -8.15
N ARG C 231 -22.68 11.11 -7.82
CA ARG C 231 -22.76 11.73 -6.50
C ARG C 231 -24.04 12.52 -6.31
N GLU C 232 -24.61 13.06 -7.38
CA GLU C 232 -25.74 13.99 -7.25
C GLU C 232 -27.01 13.30 -6.77
N SER C 233 -27.19 12.01 -7.06
CA SER C 233 -28.41 11.32 -6.67
C SER C 233 -28.53 11.24 -5.15
N ARG C 234 -29.70 11.63 -4.64
CA ARG C 234 -29.86 11.76 -3.19
C ARG C 234 -29.96 10.39 -2.51
N ASN C 235 -30.72 9.47 -3.09
CA ASN C 235 -30.84 8.10 -2.58
C ASN C 235 -30.47 7.16 -3.71
N PRO C 236 -29.17 6.95 -3.92
CA PRO C 236 -28.73 6.16 -5.08
C PRO C 236 -29.15 4.70 -4.97
N GLY C 237 -29.37 4.09 -6.13
CA GLY C 237 -29.85 2.72 -6.21
C GLY C 237 -28.98 1.89 -7.14
N ASN C 238 -29.66 1.04 -7.92
CA ASN C 238 -28.94 0.09 -8.76
C ASN C 238 -28.30 0.78 -9.96
N ALA C 239 -28.91 1.85 -10.46
CA ALA C 239 -28.33 2.57 -11.59
C ALA C 239 -26.98 3.18 -11.23
N GLU C 240 -26.87 3.79 -10.05
CA GLU C 240 -25.61 4.36 -9.61
C GLU C 240 -24.56 3.27 -9.39
N PHE C 241 -24.98 2.13 -8.85
CA PHE C 241 -24.06 1.01 -8.67
C PHE C 241 -23.53 0.51 -10.01
N GLU C 242 -24.41 0.43 -11.01
CA GLU C 242 -23.98 0.01 -12.35
C GLU C 242 -23.03 1.04 -12.96
N ASP C 243 -23.31 2.33 -12.76
CA ASP C 243 -22.41 3.38 -13.26
C ASP C 243 -21.05 3.29 -12.58
N LEU C 244 -21.02 3.01 -11.28
CA LEU C 244 -19.74 2.84 -10.58
C LEU C 244 -18.99 1.62 -11.09
N ILE C 245 -19.71 0.54 -11.38
CA ILE C 245 -19.08 -0.65 -11.97
C ILE C 245 -18.43 -0.29 -13.30
N PHE C 246 -19.17 0.46 -14.13
CA PHE C 246 -18.63 0.87 -15.43
C PHE C 246 -17.43 1.78 -15.27
N LEU C 247 -17.47 2.66 -14.27
CA LEU C 247 -16.35 3.56 -14.01
C LEU C 247 -15.11 2.77 -13.62
N ALA C 248 -15.28 1.77 -12.75
CA ALA C 248 -14.16 0.93 -12.35
C ALA C 248 -13.62 0.15 -13.53
N ARG C 249 -14.51 -0.37 -14.39
CA ARG C 249 -14.07 -1.11 -15.56
C ARG C 249 -13.29 -0.21 -16.52
N SER C 250 -13.72 1.05 -16.65
CA SER C 250 -13.02 1.98 -17.53
C SER C 250 -11.66 2.38 -16.98
N ALA C 251 -11.42 2.20 -15.69
CA ALA C 251 -10.13 2.55 -15.10
C ALA C 251 -9.02 1.60 -15.50
N LEU C 252 -9.35 0.45 -16.09
CA LEU C 252 -8.33 -0.48 -16.55
C LEU C 252 -7.61 0.02 -17.79
N ILE C 253 -8.28 0.81 -18.62
CA ILE C 253 -7.69 1.41 -19.82
C ILE C 253 -7.40 2.89 -19.59
N LEU C 254 -8.40 3.64 -19.14
CA LEU C 254 -8.21 5.04 -18.75
C LEU C 254 -7.81 5.06 -17.28
N ARG C 255 -6.52 4.84 -17.05
CA ARG C 255 -6.01 4.64 -15.70
C ARG C 255 -6.19 5.90 -14.85
N GLY C 256 -6.45 5.69 -13.56
CA GLY C 256 -6.54 6.79 -12.63
C GLY C 256 -5.22 7.07 -11.92
N SER C 257 -5.11 8.27 -11.38
CA SER C 257 -3.88 8.71 -10.73
C SER C 257 -3.88 8.22 -9.29
N VAL C 258 -3.00 7.27 -8.98
CA VAL C 258 -2.89 6.69 -7.66
C VAL C 258 -1.46 6.89 -7.16
N ALA C 259 -1.34 7.47 -5.97
CA ALA C 259 -0.02 7.75 -5.41
C ALA C 259 0.66 6.47 -4.97
N HIS C 260 1.97 6.39 -5.20
CA HIS C 260 2.78 5.26 -4.78
C HIS C 260 3.94 5.76 -3.93
N LYS C 261 4.06 5.22 -2.72
CA LYS C 261 5.09 5.62 -1.78
C LYS C 261 5.82 4.39 -1.27
N SER C 262 7.11 4.56 -0.99
CA SER C 262 7.94 3.48 -0.46
C SER C 262 7.94 3.57 1.06
N CYS C 263 7.00 2.88 1.69
CA CYS C 263 6.91 2.82 3.14
C CYS C 263 7.61 1.55 3.62
N LEU C 264 8.79 1.71 4.20
CA LEU C 264 9.65 0.62 4.62
C LEU C 264 9.25 0.11 6.00
N PRO C 265 9.61 -1.12 6.34
CA PRO C 265 9.36 -1.62 7.69
C PRO C 265 10.16 -0.86 8.73
N ALA C 266 9.63 -0.82 9.96
CA ALA C 266 10.24 -0.05 11.02
C ALA C 266 11.64 -0.53 11.40
N CYS C 267 11.97 -1.78 11.08
CA CYS C 267 13.31 -2.28 11.39
C CYS C 267 14.38 -1.51 10.63
N VAL C 268 14.12 -1.19 9.36
CA VAL C 268 15.10 -0.44 8.56
C VAL C 268 15.32 0.95 9.14
N TYR C 269 14.24 1.64 9.50
CA TYR C 269 14.37 2.97 10.10
C TYR C 269 15.10 2.90 11.44
N GLY C 270 14.80 1.87 12.25
CA GLY C 270 15.50 1.71 13.52
C GLY C 270 16.98 1.46 13.33
N SER C 271 17.34 0.63 12.36
CA SER C 271 18.75 0.39 12.07
C SER C 271 19.44 1.67 11.60
N ALA C 272 18.76 2.44 10.75
CA ALA C 272 19.34 3.69 10.27
C ALA C 272 19.54 4.69 11.41
N VAL C 273 18.58 4.77 12.33
CA VAL C 273 18.72 5.68 13.46
C VAL C 273 19.83 5.20 14.40
N ALA C 274 19.94 3.89 14.60
CA ALA C 274 21.04 3.37 15.40
C ALA C 274 22.39 3.61 14.74
N SER C 275 22.45 3.55 13.41
CA SER C 275 23.69 3.79 12.69
C SER C 275 24.10 5.25 12.70
N GLY C 276 23.23 6.15 13.16
CA GLY C 276 23.55 7.55 13.28
C GLY C 276 22.97 8.45 12.22
N TYR C 277 22.21 7.90 11.27
CA TYR C 277 21.59 8.72 10.24
C TYR C 277 20.62 9.71 10.89
N ASP C 278 20.73 10.97 10.49
CA ASP C 278 19.82 12.02 10.95
C ASP C 278 18.88 12.36 9.80
N PHE C 279 17.70 11.73 9.81
CA PHE C 279 16.72 12.02 8.77
C PHE C 279 16.20 13.44 8.87
N GLU C 280 16.20 14.01 10.07
CA GLU C 280 15.77 15.40 10.23
C GLU C 280 16.69 16.36 9.50
N ARG C 281 18.01 16.15 9.60
CA ARG C 281 18.96 17.04 8.95
C ARG C 281 19.04 16.76 7.45
N GLU C 282 19.25 15.50 7.08
CA GLU C 282 19.41 15.14 5.67
C GLU C 282 18.09 15.20 4.90
N GLY C 283 16.97 14.98 5.55
CA GLY C 283 15.70 14.95 4.86
C GLY C 283 15.35 13.58 4.34
N TYR C 284 14.13 13.47 3.80
CA TYR C 284 13.64 12.21 3.27
C TYR C 284 12.59 12.49 2.20
N SER C 285 12.31 11.46 1.41
CA SER C 285 11.27 11.55 0.38
C SER C 285 10.83 10.14 0.03
N LEU C 286 9.54 9.88 0.13
CA LEU C 286 9.00 8.54 -0.12
C LEU C 286 9.00 8.17 -1.59
N VAL C 287 9.28 9.12 -2.49
CA VAL C 287 9.24 8.85 -3.93
C VAL C 287 10.61 8.97 -4.59
N GLY C 288 11.60 9.51 -3.91
CA GLY C 288 12.92 9.74 -4.50
C GLY C 288 13.87 8.60 -4.30
N ILE C 289 15.17 8.94 -4.26
CA ILE C 289 16.22 7.94 -4.10
C ILE C 289 16.36 7.49 -2.64
N ASP C 290 15.91 8.29 -1.69
CA ASP C 290 16.12 8.06 -0.27
C ASP C 290 15.70 6.65 0.18
N PRO C 291 14.52 6.14 -0.22
CA PRO C 291 14.20 4.76 0.16
C PRO C 291 15.10 3.73 -0.51
N PHE C 292 15.38 3.92 -1.80
CA PHE C 292 16.20 2.97 -2.54
C PHE C 292 17.62 2.91 -1.96
N ARG C 293 18.19 4.07 -1.64
CA ARG C 293 19.51 4.12 -1.03
C ARG C 293 19.51 3.45 0.33
N LEU C 294 18.48 3.71 1.13
CA LEU C 294 18.38 3.14 2.46
C LEU C 294 18.27 1.62 2.39
N LEU C 295 17.48 1.11 1.45
CA LEU C 295 17.34 -0.33 1.30
C LEU C 295 18.66 -0.98 0.89
N GLN C 296 19.46 -0.27 0.10
CA GLN C 296 20.74 -0.82 -0.37
C GLN C 296 21.69 -1.10 0.78
N ASN C 297 21.64 -0.32 1.85
CA ASN C 297 22.64 -0.40 2.92
C ASN C 297 22.10 -1.11 4.16
N SER C 298 20.96 -1.78 4.06
CA SER C 298 20.28 -2.34 5.23
C SER C 298 20.16 -3.85 5.09
N GLN C 299 20.34 -4.55 6.21
CA GLN C 299 20.17 -5.98 6.29
C GLN C 299 18.90 -6.29 7.10
N VAL C 300 18.01 -7.07 6.51
CA VAL C 300 16.75 -7.44 7.16
C VAL C 300 16.58 -8.95 7.03
N TYR C 301 16.23 -9.60 8.13
CA TYR C 301 16.08 -11.04 8.17
C TYR C 301 14.61 -11.41 8.30
N SER C 302 14.27 -12.61 7.82
CA SER C 302 12.88 -13.06 7.81
C SER C 302 12.85 -14.56 8.04
N LEU C 303 11.72 -15.03 8.57
CA LEU C 303 11.56 -16.45 8.87
C LEU C 303 11.09 -17.19 7.62
N ILE C 304 11.77 -18.29 7.31
CA ILE C 304 11.49 -19.09 6.12
C ILE C 304 10.85 -20.40 6.58
N ARG C 305 9.64 -20.66 6.09
CA ARG C 305 8.96 -21.91 6.39
C ARG C 305 9.68 -23.05 5.69
N PRO C 306 9.55 -24.28 6.21
CA PRO C 306 10.20 -25.43 5.56
C PRO C 306 9.75 -25.56 4.11
N ASN C 307 10.71 -25.84 3.24
CA ASN C 307 10.47 -25.91 1.79
C ASN C 307 9.90 -24.59 1.26
N GLU C 308 10.70 -23.54 1.39
CA GLU C 308 10.39 -22.24 0.82
C GLU C 308 11.67 -21.62 0.28
N ASN C 309 11.52 -20.73 -0.70
CA ASN C 309 12.66 -20.11 -1.35
C ASN C 309 12.90 -18.73 -0.78
N PRO C 310 14.07 -18.46 -0.20
CA PRO C 310 14.34 -17.11 0.31
C PRO C 310 14.30 -16.03 -0.76
N ALA C 311 14.68 -16.37 -2.00
CA ALA C 311 14.66 -15.38 -3.07
C ALA C 311 13.25 -14.91 -3.37
N HIS C 312 12.28 -15.83 -3.37
CA HIS C 312 10.90 -15.45 -3.64
C HIS C 312 10.34 -14.57 -2.53
N LYS C 313 10.63 -14.92 -1.28
CA LYS C 313 10.17 -14.09 -0.16
C LYS C 313 10.83 -12.71 -0.20
N SER C 314 12.12 -12.65 -0.55
CA SER C 314 12.78 -11.36 -0.67
C SER C 314 12.18 -10.52 -1.79
N GLN C 315 11.85 -11.15 -2.92
CA GLN C 315 11.18 -10.43 -3.99
C GLN C 315 9.82 -9.91 -3.55
N LEU C 316 9.06 -10.74 -2.81
CA LEU C 316 7.77 -10.31 -2.30
C LEU C 316 7.92 -9.12 -1.36
N VAL C 317 8.90 -9.16 -0.47
CA VAL C 317 9.11 -8.07 0.48
C VAL C 317 9.56 -6.81 -0.26
N TRP C 318 10.38 -6.96 -1.30
CA TRP C 318 10.82 -5.82 -2.09
C TRP C 318 9.64 -5.15 -2.79
N MET C 319 8.80 -5.94 -3.45
CA MET C 319 7.62 -5.38 -4.12
C MET C 319 6.66 -4.76 -3.12
N ALA C 320 6.55 -5.32 -1.92
CA ALA C 320 5.75 -4.70 -0.88
C ALA C 320 6.34 -3.36 -0.46
N CYS C 321 7.66 -3.30 -0.32
CA CYS C 321 8.32 -2.07 0.10
C CYS C 321 8.12 -0.96 -0.92
N HIS C 322 8.20 -1.30 -2.21
CA HIS C 322 8.10 -0.29 -3.27
C HIS C 322 6.72 -0.24 -3.90
N SER C 323 5.74 -0.96 -3.34
CA SER C 323 4.37 -0.96 -3.84
C SER C 323 4.29 -1.33 -5.32
N ALA C 324 5.10 -2.30 -5.71
CA ALA C 324 5.14 -2.79 -7.09
C ALA C 324 4.32 -4.05 -7.29
N ALA C 325 3.25 -4.22 -6.49
CA ALA C 325 2.43 -5.42 -6.59
C ALA C 325 1.72 -5.51 -7.94
N PHE C 326 1.18 -4.39 -8.41
CA PHE C 326 0.43 -4.35 -9.66
C PHE C 326 1.24 -3.78 -10.81
N GLU C 327 2.54 -3.58 -10.63
CA GLU C 327 3.36 -2.98 -11.66
C GLU C 327 3.72 -3.99 -12.75
N ASP C 328 4.03 -3.46 -13.92
CA ASP C 328 4.50 -4.29 -15.03
C ASP C 328 5.74 -5.07 -14.60
N LEU C 329 5.75 -6.36 -14.92
CA LEU C 329 6.81 -7.24 -14.46
C LEU C 329 8.13 -6.93 -15.15
N ARG C 330 8.08 -6.49 -16.41
CA ARG C 330 9.30 -6.21 -17.16
C ARG C 330 10.09 -5.08 -16.53
N VAL C 331 9.42 -3.97 -16.20
CA VAL C 331 10.11 -2.83 -15.60
C VAL C 331 10.57 -3.16 -14.18
N SER C 332 9.77 -3.94 -13.43
CA SER C 332 10.19 -4.35 -12.10
C SER C 332 11.46 -5.19 -12.16
N SER C 333 11.52 -6.14 -13.10
CA SER C 333 12.71 -6.96 -13.25
C SER C 333 13.90 -6.13 -13.73
N PHE C 334 13.65 -5.16 -14.62
CA PHE C 334 14.72 -4.29 -15.09
C PHE C 334 15.31 -3.47 -13.95
N ILE C 335 14.45 -2.91 -13.10
CA ILE C 335 14.92 -2.08 -12.01
C ILE C 335 15.65 -2.91 -10.97
N ARG C 336 15.06 -4.04 -10.59
CA ARG C 336 15.66 -4.88 -9.56
C ARG C 336 16.94 -5.54 -10.03
N GLY C 337 17.02 -5.87 -11.32
CA GLY C 337 18.16 -6.59 -11.85
C GLY C 337 18.03 -8.10 -11.78
N THR C 338 17.03 -8.61 -11.06
CA THR C 338 16.74 -10.02 -10.98
C THR C 338 15.31 -10.23 -11.46
N LYS C 339 15.10 -11.24 -12.30
CA LYS C 339 13.79 -11.46 -12.88
C LYS C 339 12.74 -11.66 -11.79
N VAL C 340 11.63 -10.94 -11.90
CA VAL C 340 10.58 -10.96 -10.89
C VAL C 340 9.53 -11.97 -11.32
N VAL C 341 9.31 -12.98 -10.48
CA VAL C 341 8.43 -14.11 -10.80
C VAL C 341 7.01 -13.76 -10.39
N PRO C 342 6.00 -14.03 -11.22
CA PRO C 342 4.61 -13.72 -10.85
C PRO C 342 4.18 -14.47 -9.60
N ARG C 343 3.00 -14.10 -9.10
CA ARG C 343 2.53 -14.63 -7.84
C ARG C 343 2.31 -16.15 -7.91
N GLY C 344 1.81 -16.63 -9.05
CA GLY C 344 1.49 -18.04 -9.16
C GLY C 344 2.68 -18.95 -9.00
N LYS C 345 3.88 -18.47 -9.35
CA LYS C 345 5.08 -19.28 -9.28
C LYS C 345 5.99 -18.89 -8.13
N LEU C 346 5.46 -18.21 -7.12
CA LEU C 346 6.21 -17.88 -5.92
C LEU C 346 5.99 -18.98 -4.90
N SER C 347 7.07 -19.68 -4.53
CA SER C 347 6.98 -20.76 -3.55
C SER C 347 7.13 -20.20 -2.13
N THR C 348 6.19 -19.35 -1.74
CA THR C 348 6.20 -18.74 -0.43
C THR C 348 4.78 -18.35 -0.03
N ARG C 349 4.50 -18.46 1.26
CA ARG C 349 3.25 -17.98 1.83
C ARG C 349 3.48 -16.59 2.43
N GLY C 350 2.50 -16.10 3.18
CA GLY C 350 2.60 -14.75 3.72
C GLY C 350 3.73 -14.60 4.71
N VAL C 351 4.14 -13.35 4.91
CA VAL C 351 5.24 -13.06 5.82
C VAL C 351 4.84 -13.36 7.27
N GLN C 352 3.63 -12.99 7.65
CA GLN C 352 3.18 -13.19 9.02
C GLN C 352 2.98 -14.67 9.30
N ILE C 353 3.50 -15.13 10.43
CA ILE C 353 3.47 -16.54 10.82
C ILE C 353 2.27 -16.75 11.73
N ALA C 354 1.45 -17.75 11.41
CA ALA C 354 0.25 -18.03 12.18
C ALA C 354 0.61 -18.65 13.53
N SER C 355 -0.36 -18.60 14.45
CA SER C 355 -0.15 -19.18 15.78
C SER C 355 -0.01 -20.69 15.71
N ASN C 356 -0.80 -21.34 14.85
CA ASN C 356 -0.78 -22.80 14.74
C ASN C 356 0.33 -23.27 13.78
N GLU C 357 1.55 -22.87 14.11
CA GLU C 357 2.73 -23.25 13.34
C GLU C 357 3.80 -23.76 14.30
N ASN C 358 4.60 -24.71 13.84
CA ASN C 358 5.65 -25.29 14.68
C ASN C 358 6.93 -24.47 14.48
N MET C 359 7.29 -23.70 15.49
CA MET C 359 8.50 -22.88 15.41
C MET C 359 9.73 -23.71 15.78
N GLU C 360 9.89 -24.86 15.17
CA GLU C 360 11.09 -25.67 15.32
C GLU C 360 11.60 -26.22 14.00
N THR C 361 10.79 -26.22 12.94
CA THR C 361 11.26 -26.49 11.58
C THR C 361 11.45 -25.21 10.79
N MET C 362 11.30 -24.05 11.42
CA MET C 362 11.42 -22.78 10.75
C MET C 362 12.83 -22.20 10.90
N GLU C 363 13.32 -21.58 9.83
CA GLU C 363 14.64 -20.99 9.82
C GLU C 363 14.55 -19.55 9.33
N SER C 364 15.63 -18.80 9.55
CA SER C 364 15.71 -17.41 9.16
C SER C 364 16.65 -17.24 7.98
N SER C 365 16.25 -16.40 7.02
CA SER C 365 17.04 -16.13 5.84
C SER C 365 17.17 -14.62 5.65
N THR C 366 18.35 -14.19 5.23
CA THR C 366 18.56 -12.78 4.94
C THR C 366 17.84 -12.40 3.64
N LEU C 367 17.15 -11.27 3.67
CA LEU C 367 16.38 -10.80 2.53
C LEU C 367 17.26 -9.93 1.64
N GLU C 368 17.25 -10.21 0.34
CA GLU C 368 18.03 -9.42 -0.61
C GLU C 368 17.18 -8.26 -1.11
N LEU C 369 17.19 -7.19 -0.32
CA LEU C 369 16.47 -5.96 -0.69
C LEU C 369 17.40 -4.98 -1.42
N ARG C 370 18.05 -5.48 -2.47
CA ARG C 370 18.95 -4.68 -3.28
C ARG C 370 18.41 -4.59 -4.71
N SER C 371 18.52 -3.41 -5.29
CA SER C 371 18.09 -3.16 -6.65
C SER C 371 19.25 -2.63 -7.48
N ARG C 372 19.36 -3.11 -8.71
CA ARG C 372 20.45 -2.68 -9.59
C ARG C 372 20.31 -1.21 -9.95
N TYR C 373 19.09 -0.76 -10.25
CA TYR C 373 18.80 0.63 -10.56
C TYR C 373 17.78 1.17 -9.56
N TRP C 374 17.47 2.46 -9.69
CA TRP C 374 16.41 3.09 -8.91
C TRP C 374 15.63 4.04 -9.80
N ALA C 375 14.36 4.23 -9.46
CA ALA C 375 13.47 5.06 -10.26
C ALA C 375 12.54 5.84 -9.34
N ILE C 376 11.98 6.91 -9.87
CA ILE C 376 11.07 7.76 -9.11
C ILE C 376 9.66 7.20 -9.21
N ARG C 377 9.03 6.96 -8.07
CA ARG C 377 7.64 6.53 -8.06
C ARG C 377 6.73 7.68 -8.43
N THR C 378 5.70 7.37 -9.20
CA THR C 378 4.81 8.37 -9.76
C THR C 378 3.39 8.17 -9.25
N ARG C 379 2.69 9.27 -9.07
CA ARG C 379 1.27 9.27 -8.71
C ARG C 379 0.37 9.40 -9.94
N SER C 380 0.93 9.31 -11.13
CA SER C 380 0.22 9.57 -12.37
C SER C 380 -0.24 8.27 -13.03
N GLY C 381 -1.17 8.42 -13.96
CA GLY C 381 -1.58 7.35 -14.84
C GLY C 381 -0.65 7.25 -16.05
N GLY C 382 -1.25 7.06 -17.22
CA GLY C 382 -0.45 7.00 -18.43
C GLY C 382 -0.75 8.11 -19.41
N ASN C 383 -0.88 7.76 -20.69
CA ASN C 383 -1.26 8.72 -21.72
C ASN C 383 -2.77 8.62 -21.95
N THR C 384 -3.52 9.16 -20.99
CA THR C 384 -4.97 9.20 -21.08
C THR C 384 -5.48 10.35 -21.94
N ASN C 385 -5.02 10.42 -23.18
CA ASN C 385 -5.40 11.51 -24.08
C ASN C 385 -6.56 11.11 -24.97
N THR C 425 -26.66 10.33 -18.88
CA THR C 425 -25.47 9.56 -18.55
C THR C 425 -25.05 8.66 -19.71
N SER C 426 -25.97 8.47 -20.66
CA SER C 426 -25.67 7.65 -21.83
C SER C 426 -24.58 8.28 -22.67
N ASP C 427 -24.62 9.62 -22.81
CA ASP C 427 -23.60 10.31 -23.60
C ASP C 427 -22.21 10.13 -23.00
N MET C 428 -22.11 10.23 -21.67
CA MET C 428 -20.82 10.03 -21.02
C MET C 428 -20.32 8.61 -21.20
N ARG C 429 -21.22 7.63 -21.09
CA ARG C 429 -20.82 6.24 -21.28
C ARG C 429 -20.34 5.99 -22.71
N THR C 430 -21.06 6.53 -23.69
CA THR C 430 -20.64 6.37 -25.08
C THR C 430 -19.30 7.05 -25.34
N GLU C 431 -19.09 8.23 -24.77
CA GLU C 431 -17.81 8.92 -24.92
C GLU C 431 -16.67 8.13 -24.29
N ILE C 432 -16.90 7.56 -23.12
CA ILE C 432 -15.87 6.76 -22.45
C ILE C 432 -15.58 5.49 -23.23
N ILE C 433 -16.62 4.85 -23.77
CA ILE C 433 -16.41 3.65 -24.57
C ILE C 433 -15.62 3.98 -25.83
N ARG C 434 -15.91 5.13 -26.44
CA ARG C 434 -15.12 5.57 -27.59
C ARG C 434 -13.66 5.80 -27.21
N LEU C 435 -13.43 6.44 -26.06
CA LEU C 435 -12.07 6.67 -25.60
C LEU C 435 -11.33 5.36 -25.36
N MET C 436 -11.98 4.39 -24.72
CA MET C 436 -11.32 3.12 -24.45
C MET C 436 -11.07 2.33 -25.74
N GLU C 437 -12.02 2.38 -26.68
CA GLU C 437 -11.82 1.71 -27.95
C GLU C 437 -10.69 2.34 -28.75
N SER C 438 -10.50 3.66 -28.62
CA SER C 438 -9.41 4.32 -29.34
C SER C 438 -8.05 3.94 -28.75
N ALA C 439 -7.99 3.61 -27.47
CA ALA C 439 -6.72 3.29 -26.83
C ALA C 439 -6.25 1.89 -27.20
N ARG C 440 -4.93 1.70 -27.21
CA ARG C 440 -4.29 0.45 -27.55
C ARG C 440 -3.26 0.10 -26.50
N PRO C 441 -2.94 -1.20 -26.34
CA PRO C 441 -1.89 -1.57 -25.40
C PRO C 441 -0.50 -1.49 -26.00
N GLU C 442 -0.26 -0.42 -26.78
CA GLU C 442 1.05 -0.17 -27.35
C GLU C 442 1.50 1.29 -27.22
N ASP C 443 0.61 2.19 -26.82
CA ASP C 443 0.98 3.59 -26.67
C ASP C 443 2.06 3.75 -25.61
N VAL C 444 3.09 4.51 -25.94
CA VAL C 444 4.20 4.72 -25.03
C VAL C 444 3.89 5.87 -24.10
N SER C 445 3.92 5.61 -22.80
CA SER C 445 3.72 6.63 -21.78
C SER C 445 5.02 6.91 -21.06
N PHE C 446 5.05 8.02 -20.33
CA PHE C 446 6.25 8.51 -19.68
C PHE C 446 7.40 8.64 -20.67
N GLN C 447 7.12 9.33 -21.78
CA GLN C 447 8.12 9.49 -22.82
C GLN C 447 9.31 10.30 -22.31
N GLY C 448 10.51 9.78 -22.56
CA GLY C 448 11.72 10.44 -22.16
C GLY C 448 12.15 10.25 -20.72
N ARG C 449 11.34 9.55 -19.93
CA ARG C 449 11.65 9.32 -18.52
C ARG C 449 12.15 7.89 -18.35
N GLY C 450 13.33 7.75 -17.76
CA GLY C 450 13.94 6.45 -17.62
C GLY C 450 14.26 6.05 -16.19
N VAL C 451 15.28 5.23 -16.02
CA VAL C 451 15.67 4.68 -14.73
C VAL C 451 17.09 5.15 -14.45
N PHE C 452 17.37 5.47 -13.19
CA PHE C 452 18.67 6.00 -12.82
C PHE C 452 19.48 4.95 -12.05
N GLU C 453 20.79 5.16 -12.05
CA GLU C 453 21.70 4.34 -11.27
C GLU C 453 21.79 4.87 -9.84
N LEU C 454 22.18 3.98 -8.92
CA LEU C 454 22.29 4.36 -7.52
C LEU C 454 23.35 5.44 -7.30
N SER C 455 24.35 5.51 -8.17
CA SER C 455 25.34 6.59 -8.08
C SER C 455 24.75 7.93 -8.50
N ASP C 456 23.77 7.92 -9.41
CA ASP C 456 23.15 9.13 -9.92
C ASP C 456 22.09 9.58 -8.93
N GLU C 457 22.54 10.27 -7.88
CA GLU C 457 21.63 10.73 -6.83
C GLU C 457 20.75 11.88 -7.31
N LYS C 458 21.22 12.69 -8.26
CA LYS C 458 20.48 13.84 -8.75
C LYS C 458 19.64 13.52 -9.98
N ALA C 459 19.58 12.25 -10.38
CA ALA C 459 18.77 11.82 -11.52
C ALA C 459 19.17 12.56 -12.80
N THR C 460 20.49 12.75 -12.98
CA THR C 460 20.96 13.52 -14.13
C THR C 460 20.81 12.74 -15.43
N SER C 461 21.19 11.47 -15.43
CA SER C 461 21.22 10.67 -16.66
C SER C 461 20.25 9.50 -16.58
N PRO C 462 19.08 9.60 -17.18
CA PRO C 462 18.14 8.47 -17.19
C PRO C 462 18.56 7.38 -18.15
N ILE C 463 18.09 6.17 -17.88
CA ILE C 463 18.30 5.01 -18.75
C ILE C 463 16.93 4.50 -19.16
N VAL C 464 16.55 4.75 -20.41
CA VAL C 464 15.28 4.27 -20.94
C VAL C 464 15.39 2.78 -21.24
N PRO C 465 14.55 1.94 -20.65
CA PRO C 465 14.67 0.50 -20.90
C PRO C 465 14.21 0.12 -22.30
N SER C 466 14.73 -1.01 -22.77
CA SER C 466 14.38 -1.58 -24.06
C SER C 466 13.68 -2.91 -23.81
N PHE C 467 12.46 -3.04 -24.32
CA PHE C 467 11.68 -4.26 -24.13
C PHE C 467 11.28 -4.88 -25.46
N GLU C 472 7.66 -12.03 -22.77
CA GLU C 472 7.80 -12.22 -21.33
C GLU C 472 6.52 -11.79 -20.62
N GLY C 473 6.29 -12.36 -19.43
CA GLY C 473 5.10 -12.03 -18.68
C GLY C 473 5.10 -10.60 -18.19
N SER C 474 3.89 -10.07 -17.99
CA SER C 474 3.75 -8.67 -17.59
C SER C 474 2.76 -8.44 -16.45
N TYR C 475 2.04 -9.47 -15.99
CA TYR C 475 1.07 -9.32 -14.91
C TYR C 475 1.50 -10.18 -13.73
N PHE C 476 1.51 -9.57 -12.54
CA PHE C 476 1.87 -10.31 -11.33
C PHE C 476 0.77 -11.28 -10.94
N PHE C 477 -0.47 -10.79 -10.86
CA PHE C 477 -1.60 -11.61 -10.40
C PHE C 477 -2.35 -12.21 -11.58
N GLY C 478 -1.64 -12.90 -12.47
CA GLY C 478 -2.27 -13.48 -13.65
C GLY C 478 -2.15 -14.99 -13.71
N SER D 390 -10.35 -18.53 -16.73
CA SER D 390 -9.85 -18.26 -15.39
C SER D 390 -9.53 -16.78 -15.22
N SER D 391 -9.89 -16.23 -14.07
CA SER D 391 -9.69 -14.82 -13.79
C SER D 391 -8.23 -14.52 -13.46
N GLY D 392 -7.90 -13.24 -13.45
CA GLY D 392 -6.55 -12.82 -13.12
C GLY D 392 -6.40 -11.34 -13.37
N GLN D 393 -5.18 -10.86 -13.15
CA GLN D 393 -4.88 -9.46 -13.43
C GLN D 393 -4.96 -9.20 -14.93
N ILE D 394 -5.55 -8.06 -15.29
CA ILE D 394 -5.81 -7.73 -16.68
C ILE D 394 -5.14 -6.42 -17.10
N SER D 395 -4.88 -5.54 -16.14
CA SER D 395 -4.27 -4.24 -16.41
C SER D 395 -2.97 -4.10 -15.62
N ILE D 396 -2.35 -2.93 -15.75
CA ILE D 396 -1.10 -2.58 -15.08
C ILE D 396 -1.26 -1.19 -14.46
N GLN D 397 -0.83 -1.04 -13.22
CA GLN D 397 -0.85 0.27 -12.58
C GLN D 397 0.58 0.80 -12.48
N PRO D 398 0.91 1.90 -13.15
CA PRO D 398 2.31 2.31 -13.27
C PRO D 398 2.89 2.99 -12.04
N THR D 399 3.39 2.22 -11.06
CA THR D 399 3.96 2.84 -9.87
C THR D 399 5.23 3.61 -10.18
N PHE D 400 6.07 3.09 -11.08
CA PHE D 400 7.34 3.73 -11.43
C PHE D 400 7.15 4.66 -12.62
N SER D 401 7.86 5.79 -12.60
CA SER D 401 7.82 6.76 -13.69
C SER D 401 8.91 6.40 -14.69
N VAL D 402 8.60 5.43 -15.55
CA VAL D 402 9.56 4.87 -16.49
C VAL D 402 8.88 4.74 -17.84
N GLN D 403 9.62 5.03 -18.91
CA GLN D 403 9.07 4.92 -20.25
C GLN D 403 8.59 3.50 -20.51
N ARG D 404 7.28 3.34 -20.69
CA ARG D 404 6.64 2.04 -20.75
C ARG D 404 5.53 2.09 -21.79
N ASN D 405 4.85 0.96 -21.97
CA ASN D 405 3.69 0.89 -22.85
C ASN D 405 2.39 0.54 -22.13
N LEU D 406 2.44 0.22 -20.83
CA LEU D 406 1.27 -0.02 -20.00
C LEU D 406 0.33 -1.06 -20.61
N PRO D 407 0.71 -2.34 -20.57
CA PRO D 407 -0.10 -3.37 -21.23
C PRO D 407 -1.47 -3.52 -20.58
N PHE D 408 -2.44 -3.93 -21.40
CA PHE D 408 -3.73 -4.40 -20.90
C PHE D 408 -4.32 -5.32 -21.95
N ASP D 409 -5.17 -6.24 -21.48
CA ASP D 409 -5.73 -7.27 -22.36
C ASP D 409 -6.96 -6.71 -23.05
N ARG D 410 -6.74 -6.12 -24.24
CA ARG D 410 -7.80 -5.38 -24.92
C ARG D 410 -9.00 -6.25 -25.30
N PRO D 411 -8.85 -7.43 -25.91
CA PRO D 411 -10.05 -8.21 -26.28
C PRO D 411 -10.94 -8.56 -25.10
N THR D 412 -10.36 -8.87 -23.94
CA THR D 412 -11.18 -9.25 -22.79
C THR D 412 -11.85 -8.06 -22.13
N ILE D 413 -11.18 -6.90 -22.10
CA ILE D 413 -11.78 -5.72 -21.50
C ILE D 413 -12.93 -5.20 -22.37
N MET D 414 -12.72 -5.14 -23.68
CA MET D 414 -13.73 -4.60 -24.57
C MET D 414 -14.84 -5.60 -24.87
N ALA D 415 -14.64 -6.88 -24.52
CA ALA D 415 -15.71 -7.86 -24.68
C ALA D 415 -16.89 -7.58 -23.78
N ALA D 416 -16.68 -6.85 -22.68
CA ALA D 416 -17.78 -6.51 -21.79
C ALA D 416 -18.76 -5.54 -22.40
N PHE D 417 -18.40 -4.87 -23.49
CA PHE D 417 -19.31 -3.97 -24.19
C PHE D 417 -19.54 -4.45 -25.63
C1 A1IJK E . -0.61 13.51 -0.24
C2 A1IJK E . -1.64 14.46 -0.81
C3 A1IJK E . -3.02 13.85 -0.86
C6 A1IJK E . -5.13 13.98 -1.92
C7 A1IJK E . -5.89 13.69 -0.64
O4 A1IJK E . -3.91 14.64 -1.64
O5 A1IJK E . -1.24 14.86 -2.12
C8 A1IJK E . -6.69 14.87 -0.13
C10 A1IJK E . -8.57 14.10 1.22
N9 A1IJK E . -7.33 14.57 1.15
C33 A1IJK E . -9.95 8.20 3.06
C34 A1IJK E . -10.16 9.51 3.41
C11 A1IJK E . -9.07 13.70 2.58
C12 A1IJK E . -8.48 14.24 3.73
C13 A1IJK E . -8.93 13.87 4.98
C14 A1IJK E . -9.94 12.94 5.14
C15 A1IJK E . -10.54 12.37 4.00
C16 A1IJK E . -10.08 12.76 2.74
C17 A1IJK E . -10.35 12.60 6.56
C20 A1IJK E . -11.65 11.37 4.08
C21 A1IJK E . -12.99 11.73 4.56
C22 A1IJK E . -14.00 10.73 4.58
C24 A1IJK E . -12.51 9.07 3.72
C25 A1IJK E . -11.43 9.98 3.72
C27 A1IJK E . -15.26 11.04 5.06
C28 A1IJK E . -15.56 12.36 5.53
C29 A1IJK E . -14.53 13.34 5.50
C30 A1IJK E . -13.27 13.02 5.01
C31 A1IJK E . -12.30 7.77 3.28
C32 A1IJK E . -11.00 7.32 2.93
O18 A1IJK E . -11.04 11.59 6.75
O19 A1IJK E . -9.97 13.36 7.46
O23 A1IJK E . -13.76 9.45 4.13
O26 A1IJK E . -9.29 13.99 0.24
O35 A1IJK E . -16.69 12.65 5.97
O36 A1IJK E . -10.82 6.16 2.54
#